data_3DCD
#
_entry.id   3DCD
#
_cell.length_a   53.270
_cell.length_b   88.270
_cell.length_c   139.540
_cell.angle_alpha   90.00
_cell.angle_beta   90.00
_cell.angle_gamma   90.00
#
_symmetry.space_group_name_H-M   'P 21 21 21'
#
loop_
_entity.id
_entity.type
_entity.pdbx_description
1 polymer 'Galactose mutarotase related enzyme'
2 water water
#
_entity_poly.entity_id   1
_entity_poly.type   'polypeptide(L)'
_entity_poly.pdbx_seq_one_letter_code
;(MSE)DYTIENN(MSE)IKVVISDHGAEIQSVKSAHTDEEF(MSE)WQANPEIWGRHAPVLFPIVGRLKNDEYTYKGKTY
HLGQHGFARNADFEVENHTKESITFLLKDNEETRKVYPFKFEFRVNYNL(MSE)NNLLEENFSVVNKSDET(MSE)IFGV
GGHPGFNLPTDHGENKEDFYFD(MSE)HPSVTRVRIPLKDASLDWNNRSLAPTDSLIALSDDLFKDDALIYELRGNDNKV
SLRTDKNKFHVNVWTRDAPFVGIWSQYPKTDNYVCIEPWWGIADRDDADGDLEHKYG(MSE)NHLKPGKEFQAGFS
(MSE)TYHSTTDEVKLEHHHHHH
;
_entity_poly.pdbx_strand_id   A,B
#
# COMPACT_ATOMS: atom_id res chain seq x y z
N MSE A 1 -1.83 36.78 -1.64
CA MSE A 1 -0.62 37.29 -0.94
C MSE A 1 0.47 36.21 -0.92
O MSE A 1 0.17 35.05 -0.69
CB MSE A 1 -0.97 37.70 0.50
CG MSE A 1 0.26 38.00 1.36
SE MSE A 1 1.26 39.54 0.65
CE MSE A 1 3.10 39.08 1.13
N ASP A 2 1.71 36.62 -1.20
CA ASP A 2 2.86 35.71 -1.17
C ASP A 2 3.59 35.75 0.18
N TYR A 3 4.10 34.60 0.59
CA TYR A 3 4.83 34.45 1.85
C TYR A 3 6.09 33.66 1.56
N THR A 4 7.15 33.99 2.29
CA THR A 4 8.46 33.37 2.11
C THR A 4 8.87 32.55 3.32
N ILE A 5 9.40 31.35 3.04
CA ILE A 5 10.16 30.56 4.01
C ILE A 5 11.53 30.29 3.37
N GLU A 6 12.58 30.29 4.17
CA GLU A 6 13.93 30.25 3.61
C GLU A 6 15.00 29.85 4.60
N ASN A 7 16.10 29.32 4.08
CA ASN A 7 17.29 29.07 4.88
C ASN A 7 18.51 29.36 4.02
N ASN A 8 19.67 28.88 4.45
CA ASN A 8 20.91 29.06 3.73
C ASN A 8 21.04 28.27 2.42
N MSE A 9 20.08 27.36 2.16
CA MSE A 9 20.14 26.56 0.98
CA MSE A 9 20.12 26.50 0.98
C MSE A 9 19.10 26.93 -0.09
O MSE A 9 19.44 27.01 -1.28
CB MSE A 9 19.90 25.08 1.37
CB MSE A 9 19.85 25.04 1.36
CG MSE A 9 21.00 24.44 2.21
CG MSE A 9 20.78 24.44 2.42
SE MSE A 9 22.64 24.29 1.70
SE MSE A 9 22.61 24.32 1.75
CE MSE A 9 22.33 23.14 0.20
CE MSE A 9 22.31 23.07 0.25
N ILE A 10 17.85 27.15 0.33
CA ILE A 10 16.75 27.39 -0.62
C ILE A 10 15.79 28.45 -0.09
N LYS A 11 15.15 29.18 -1.01
CA LYS A 11 14.17 30.21 -0.63
C LYS A 11 12.90 29.90 -1.41
N VAL A 12 11.79 29.85 -0.68
CA VAL A 12 10.53 29.36 -1.20
C VAL A 12 9.49 30.44 -1.02
N VAL A 13 8.75 30.73 -2.08
CA VAL A 13 7.64 31.68 -2.02
C VAL A 13 6.34 30.94 -2.28
N ILE A 14 5.34 31.17 -1.42
CA ILE A 14 4.07 30.46 -1.52
C ILE A 14 2.89 31.44 -1.37
N SER A 15 1.84 31.22 -2.17
CA SER A 15 0.66 32.10 -2.15
C SER A 15 -0.43 31.52 -1.28
N ASP A 16 -1.16 32.39 -0.59
CA ASP A 16 -2.30 31.92 0.17
C ASP A 16 -3.46 31.51 -0.75
N HIS A 17 -3.36 31.91 -2.02
CA HIS A 17 -4.30 31.46 -3.03
C HIS A 17 -3.94 30.04 -3.44
N GLY A 18 -4.78 29.09 -3.03
CA GLY A 18 -4.52 27.67 -3.29
C GLY A 18 -3.33 27.09 -2.55
N ALA A 19 -2.80 27.82 -1.56
CA ALA A 19 -1.61 27.39 -0.79
C ALA A 19 -0.53 26.88 -1.74
N GLU A 20 -0.28 27.66 -2.80
CA GLU A 20 0.50 27.18 -3.96
C GLU A 20 1.90 27.75 -3.97
N ILE A 21 2.90 26.87 -4.09
CA ILE A 21 4.28 27.30 -4.26
C ILE A 21 4.37 28.13 -5.54
N GLN A 22 4.96 29.33 -5.44
CA GLN A 22 5.17 30.21 -6.60
C GLN A 22 6.59 30.09 -7.14
N SER A 23 7.53 29.81 -6.24
CA SER A 23 8.95 29.91 -6.56
C SER A 23 9.78 29.10 -5.59
N VAL A 24 10.79 28.39 -6.08
CA VAL A 24 11.83 27.77 -5.23
C VAL A 24 13.15 28.10 -5.88
N LYS A 25 14.03 28.78 -5.15
CA LYS A 25 15.31 29.16 -5.70
C LYS A 25 16.47 28.67 -4.83
N SER A 26 17.54 28.21 -5.46
CA SER A 26 18.78 27.98 -4.73
C SER A 26 19.32 29.28 -4.15
N ALA A 27 19.61 29.26 -2.85
CA ALA A 27 20.23 30.40 -2.18
C ALA A 27 21.65 30.63 -2.72
N HIS A 28 22.24 29.60 -3.30
CA HIS A 28 23.60 29.70 -3.83
C HIS A 28 23.70 30.13 -5.28
N THR A 29 22.83 29.58 -6.14
CA THR A 29 22.96 29.76 -7.59
C THR A 29 21.88 30.67 -8.18
N ASP A 30 20.82 30.89 -7.39
CA ASP A 30 19.63 31.67 -7.79
CA ASP A 30 19.66 31.69 -7.82
C ASP A 30 18.82 30.99 -8.90
N GLU A 31 19.12 29.73 -9.17
CA GLU A 31 18.32 28.97 -10.15
C GLU A 31 16.88 28.75 -9.67
N GLU A 32 15.91 28.92 -10.57
CA GLU A 32 14.49 28.78 -10.25
C GLU A 32 14.00 27.38 -10.57
N PHE A 33 13.52 26.66 -9.58
CA PHE A 33 13.12 25.27 -9.82
C PHE A 33 11.70 25.09 -10.29
N MSE A 34 10.83 26.03 -9.96
CA MSE A 34 9.40 25.90 -10.26
C MSE A 34 9.02 26.53 -11.58
O MSE A 34 9.42 27.66 -11.88
CB MSE A 34 8.55 26.54 -9.16
CG MSE A 34 8.88 26.08 -7.77
SE MSE A 34 8.82 24.11 -7.51
CE MSE A 34 7.01 23.77 -8.08
N TRP A 35 8.23 25.78 -12.35
CA TRP A 35 7.53 26.27 -13.54
C TRP A 35 6.80 27.59 -13.22
N GLN A 36 6.96 28.59 -14.10
CA GLN A 36 6.48 29.94 -13.79
C GLN A 36 5.11 30.27 -14.39
N ALA A 37 4.35 29.22 -14.71
CA ALA A 37 2.93 29.34 -15.00
C ALA A 37 2.62 30.16 -16.27
N ASN A 38 3.42 29.98 -17.32
CA ASN A 38 3.16 30.64 -18.61
C ASN A 38 1.74 30.30 -19.07
N PRO A 39 0.83 31.31 -19.12
CA PRO A 39 -0.58 31.00 -19.42
C PRO A 39 -0.82 30.51 -20.85
N GLU A 40 0.18 30.66 -21.72
CA GLU A 40 0.13 30.16 -23.08
C GLU A 40 0.22 28.64 -23.11
N ILE A 41 0.74 28.06 -22.02
CA ILE A 41 0.98 26.62 -21.94
C ILE A 41 0.16 25.99 -20.81
N TRP A 42 0.39 26.48 -19.59
CA TRP A 42 -0.27 25.94 -18.40
C TRP A 42 -0.12 26.99 -17.29
N GLY A 43 -1.23 27.66 -16.96
CA GLY A 43 -1.17 28.87 -16.14
C GLY A 43 -1.24 28.63 -14.65
N ARG A 44 -0.65 27.51 -14.20
CA ARG A 44 -0.51 27.24 -12.76
C ARG A 44 0.95 26.88 -12.48
N HIS A 45 1.38 26.98 -11.22
CA HIS A 45 2.73 26.55 -10.84
C HIS A 45 2.79 25.14 -10.27
N ALA A 46 1.94 24.88 -9.28
CA ALA A 46 2.08 23.71 -8.42
C ALA A 46 0.79 23.54 -7.57
N PRO A 47 -0.37 23.29 -8.24
CA PRO A 47 -1.63 23.30 -7.52
C PRO A 47 -1.72 22.21 -6.47
N VAL A 48 -2.58 22.47 -5.49
CA VAL A 48 -2.96 21.50 -4.49
C VAL A 48 -4.27 20.91 -4.98
N LEU A 49 -4.38 19.58 -4.94
CA LEU A 49 -5.56 18.87 -5.45
C LEU A 49 -6.38 18.33 -4.27
N PHE A 50 -7.60 18.83 -4.13
CA PHE A 50 -8.50 18.53 -3.01
C PHE A 50 -9.85 19.17 -3.28
N PRO A 51 -10.97 18.46 -2.96
CA PRO A 51 -11.13 17.15 -2.34
C PRO A 51 -11.26 15.97 -3.28
N ILE A 52 -10.86 16.17 -4.54
CA ILE A 52 -10.65 15.05 -5.47
C ILE A 52 -9.35 15.28 -6.21
N VAL A 53 -8.76 14.17 -6.70
CA VAL A 53 -7.63 14.20 -7.59
C VAL A 53 -8.18 13.77 -8.96
N GLY A 54 -7.83 14.52 -10.00
CA GLY A 54 -8.30 14.20 -11.36
C GLY A 54 -9.76 14.55 -11.61
N ARG A 55 -10.28 14.09 -12.74
CA ARG A 55 -11.62 14.45 -13.16
C ARG A 55 -12.66 13.38 -12.86
N LEU A 56 -13.87 13.85 -12.55
CA LEU A 56 -15.05 13.03 -12.47
C LEU A 56 -15.68 12.98 -13.85
N LYS A 57 -16.26 11.82 -14.20
CA LYS A 57 -17.07 11.73 -15.42
C LYS A 57 -18.18 12.77 -15.38
N ASN A 58 -18.24 13.61 -16.41
CA ASN A 58 -19.24 14.67 -16.52
C ASN A 58 -19.11 15.74 -15.44
N ASP A 59 -17.92 15.79 -14.81
CA ASP A 59 -17.64 16.68 -13.67
C ASP A 59 -18.73 16.64 -12.61
N GLU A 60 -19.20 15.44 -12.29
CA GLU A 60 -20.26 15.29 -11.32
C GLU A 60 -20.22 13.95 -10.57
N TYR A 61 -20.89 13.91 -9.43
CA TYR A 61 -21.01 12.73 -8.63
C TYR A 61 -22.32 12.81 -7.87
N THR A 62 -22.73 11.68 -7.30
CA THR A 62 -23.89 11.69 -6.42
C THR A 62 -23.45 11.29 -5.03
N TYR A 63 -24.15 11.84 -4.03
CA TYR A 63 -23.92 11.42 -2.67
C TYR A 63 -25.26 11.42 -1.99
N LYS A 64 -25.61 10.28 -1.39
CA LYS A 64 -26.93 10.09 -0.77
C LYS A 64 -28.07 10.43 -1.73
N GLY A 65 -27.87 10.17 -3.03
CA GLY A 65 -28.92 10.39 -4.03
C GLY A 65 -28.97 11.79 -4.60
N LYS A 66 -28.13 12.68 -4.09
CA LYS A 66 -28.15 14.07 -4.57
C LYS A 66 -26.96 14.28 -5.48
N THR A 67 -27.17 15.05 -6.56
CA THR A 67 -26.11 15.29 -7.53
C THR A 67 -25.34 16.58 -7.23
N TYR A 68 -24.02 16.47 -7.25
CA TYR A 68 -23.11 17.59 -7.07
C TYR A 68 -22.20 17.76 -8.29
N HIS A 69 -21.69 18.97 -8.47
CA HIS A 69 -20.84 19.30 -9.61
C HIS A 69 -19.51 19.84 -9.14
N LEU A 70 -18.45 19.17 -9.56
CA LEU A 70 -17.13 19.47 -9.08
C LEU A 70 -16.13 19.24 -10.19
N GLY A 71 -15.30 20.24 -10.47
CA GLY A 71 -14.35 20.18 -11.56
C GLY A 71 -13.09 19.41 -11.22
N GLN A 72 -12.29 19.16 -12.25
CA GLN A 72 -11.04 18.42 -12.13
C GLN A 72 -10.18 18.94 -10.99
N HIS A 73 -9.65 18.02 -10.17
CA HIS A 73 -8.77 18.36 -9.02
C HIS A 73 -9.42 19.17 -7.88
N GLY A 74 -10.75 19.29 -7.90
CA GLY A 74 -11.49 19.93 -6.83
C GLY A 74 -11.37 21.43 -6.78
N PHE A 75 -11.57 21.98 -5.58
CA PHE A 75 -11.65 23.44 -5.43
C PHE A 75 -10.46 24.08 -4.70
N ALA A 76 -9.57 23.29 -4.10
CA ALA A 76 -8.48 23.88 -3.28
C ALA A 76 -7.67 24.96 -4.03
N ARG A 77 -7.36 24.69 -5.29
CA ARG A 77 -6.46 25.56 -6.03
C ARG A 77 -7.03 26.94 -6.37
N ASN A 78 -8.35 27.07 -6.23
CA ASN A 78 -9.06 28.33 -6.47
C ASN A 78 -9.51 28.99 -5.17
N ALA A 79 -9.12 28.41 -4.04
CA ALA A 79 -9.57 28.89 -2.73
C ALA A 79 -8.49 29.69 -2.06
N ASP A 80 -8.88 30.67 -1.25
CA ASP A 80 -7.92 31.44 -0.49
C ASP A 80 -7.87 30.84 0.90
N PHE A 81 -6.65 30.45 1.31
CA PHE A 81 -6.39 29.85 2.62
C PHE A 81 -5.99 30.92 3.61
N GLU A 82 -6.24 30.65 4.89
CA GLU A 82 -5.71 31.47 5.98
C GLU A 82 -4.29 31.02 6.33
N VAL A 83 -3.45 31.95 6.76
CA VAL A 83 -2.12 31.60 7.26
C VAL A 83 -2.23 31.38 8.78
N GLU A 84 -2.18 30.11 9.17
CA GLU A 84 -2.37 29.73 10.57
C GLU A 84 -1.12 29.92 11.41
N ASN A 85 0.04 29.65 10.81
CA ASN A 85 1.34 29.71 11.48
C ASN A 85 2.39 30.03 10.43
N HIS A 86 3.35 30.91 10.75
CA HIS A 86 4.41 31.25 9.80
C HIS A 86 5.68 31.63 10.56
N THR A 87 6.70 30.79 10.46
CA THR A 87 8.02 31.07 11.03
C THR A 87 9.05 31.05 9.88
N LYS A 88 10.34 31.24 10.19
CA LYS A 88 11.31 31.42 9.11
C LYS A 88 11.33 30.24 8.16
N GLU A 89 11.22 29.02 8.68
CA GLU A 89 11.37 27.81 7.84
C GLU A 89 10.08 26.99 7.74
N SER A 90 8.95 27.55 8.13
CA SER A 90 7.69 26.81 8.10
C SER A 90 6.48 27.71 7.93
N ILE A 91 5.48 27.20 7.22
CA ILE A 91 4.21 27.94 7.08
C ILE A 91 3.08 26.93 6.92
N THR A 92 1.94 27.22 7.55
CA THR A 92 0.79 26.33 7.47
C THR A 92 -0.38 27.17 7.01
N PHE A 93 -0.98 26.74 5.91
CA PHE A 93 -2.22 27.30 5.38
C PHE A 93 -3.42 26.45 5.80
N LEU A 94 -4.50 27.14 6.14
CA LEU A 94 -5.71 26.49 6.57
C LEU A 94 -6.89 26.94 5.73
N LEU A 95 -7.65 25.95 5.28
CA LEU A 95 -8.91 26.18 4.60
C LEU A 95 -10.02 25.38 5.29
N LYS A 96 -11.11 26.07 5.62
CA LYS A 96 -12.30 25.42 6.16
C LYS A 96 -13.39 25.45 5.11
N ASP A 97 -14.37 24.57 5.28
CA ASP A 97 -15.58 24.61 4.47
C ASP A 97 -16.28 25.94 4.63
N ASN A 98 -16.93 26.38 3.57
CA ASN A 98 -17.73 27.61 3.63
C ASN A 98 -19.01 27.36 2.84
N GLU A 99 -19.86 28.38 2.76
CA GLU A 99 -21.13 28.27 2.02
C GLU A 99 -20.93 27.76 0.60
N GLU A 100 -19.90 28.25 -0.08
CA GLU A 100 -19.58 27.86 -1.45
C GLU A 100 -19.06 26.43 -1.60
N THR A 101 -18.10 26.03 -0.77
CA THR A 101 -17.59 24.66 -0.88
C THR A 101 -18.68 23.65 -0.58
N ARG A 102 -19.55 23.97 0.38
CA ARG A 102 -20.62 23.06 0.80
C ARG A 102 -21.64 22.79 -0.33
N LYS A 103 -21.73 23.72 -1.28
CA LYS A 103 -22.62 23.59 -2.44
C LYS A 103 -22.19 22.47 -3.41
N VAL A 104 -20.88 22.23 -3.47
CA VAL A 104 -20.30 21.28 -4.41
C VAL A 104 -19.71 20.07 -3.68
N TYR A 105 -19.72 20.12 -2.35
CA TYR A 105 -19.03 19.12 -1.54
C TYR A 105 -19.62 19.16 -0.12
N PRO A 106 -20.53 18.22 0.21
CA PRO A 106 -21.42 18.35 1.38
C PRO A 106 -20.75 17.88 2.66
N PHE A 107 -19.55 18.40 2.91
CA PHE A 107 -18.77 18.04 4.08
C PHE A 107 -18.17 19.24 4.75
N LYS A 108 -18.06 19.15 6.07
CA LYS A 108 -17.35 20.15 6.85
C LYS A 108 -15.97 19.60 7.16
N PHE A 109 -14.96 20.45 7.07
CA PHE A 109 -13.57 19.97 7.22
C PHE A 109 -12.65 21.10 7.66
N GLU A 110 -11.45 20.71 8.11
CA GLU A 110 -10.31 21.60 8.20
C GLU A 110 -9.22 20.97 7.33
N PHE A 111 -8.77 21.70 6.31
CA PHE A 111 -7.70 21.22 5.42
C PHE A 111 -6.46 22.11 5.58
N ARG A 112 -5.37 21.50 6.02
CA ARG A 112 -4.14 22.24 6.26
C ARG A 112 -3.04 21.77 5.30
N VAL A 113 -2.36 22.74 4.69
CA VAL A 113 -1.19 22.49 3.87
C VAL A 113 -0.01 23.16 4.55
N ASN A 114 0.91 22.33 5.02
CA ASN A 114 2.08 22.82 5.71
C ASN A 114 3.29 22.63 4.82
N TYR A 115 4.11 23.67 4.73
CA TYR A 115 5.38 23.61 4.02
C TYR A 115 6.47 23.90 5.02
N ASN A 116 7.51 23.09 5.02
CA ASN A 116 8.63 23.35 5.89
C ASN A 116 9.97 22.94 5.29
N LEU A 117 11.02 23.65 5.69
CA LEU A 117 12.37 23.43 5.18
C LEU A 117 13.31 22.73 6.15
N MSE A 118 14.12 21.86 5.57
CA MSE A 118 15.25 21.21 6.22
CA MSE A 118 15.30 21.31 6.23
C MSE A 118 16.38 21.20 5.19
O MSE A 118 16.29 20.42 4.23
CB MSE A 118 14.87 19.78 6.59
CB MSE A 118 15.03 19.97 6.92
CG MSE A 118 16.01 18.88 7.04
CG MSE A 118 15.13 20.03 8.43
SE MSE A 118 16.26 18.91 8.96
SE MSE A 118 16.88 20.58 9.15
CE MSE A 118 14.65 17.92 9.49
CE MSE A 118 18.00 19.05 8.66
N ASN A 119 17.39 22.04 5.33
CA ASN A 119 18.42 22.16 4.30
C ASN A 119 17.78 22.40 2.93
N ASN A 120 18.18 21.64 1.92
CA ASN A 120 17.59 21.82 0.59
C ASN A 120 16.35 20.96 0.35
N LEU A 121 15.73 20.50 1.45
CA LEU A 121 14.52 19.68 1.39
C LEU A 121 13.29 20.48 1.83
N LEU A 122 12.25 20.42 0.99
CA LEU A 122 10.97 21.07 1.25
C LEU A 122 9.88 20.00 1.39
N GLU A 123 9.21 19.99 2.54
CA GLU A 123 8.04 19.15 2.75
C GLU A 123 6.77 19.87 2.34
N GLU A 124 5.85 19.13 1.76
CA GLU A 124 4.48 19.61 1.52
C GLU A 124 3.56 18.60 2.21
N ASN A 125 3.00 19.01 3.34
CA ASN A 125 2.30 18.05 4.20
C ASN A 125 0.82 18.39 4.23
N PHE A 126 0.00 17.36 4.09
CA PHE A 126 -1.46 17.52 4.13
C PHE A 126 -2.03 17.00 5.45
N SER A 127 -2.98 17.75 6.00
CA SER A 127 -3.74 17.32 7.13
C SER A 127 -5.20 17.63 6.84
N VAL A 128 -6.05 16.61 6.92
CA VAL A 128 -7.50 16.79 6.76
C VAL A 128 -8.21 16.33 8.04
N VAL A 129 -9.02 17.20 8.63
CA VAL A 129 -9.85 16.83 9.78
C VAL A 129 -11.31 16.86 9.36
N ASN A 130 -12.00 15.74 9.54
CA ASN A 130 -13.42 15.67 9.25
C ASN A 130 -14.22 16.27 10.40
N LYS A 131 -14.97 17.34 10.09
CA LYS A 131 -15.81 18.08 11.04
C LYS A 131 -17.30 17.80 10.80
N SER A 132 -17.58 16.83 9.94
CA SER A 132 -18.95 16.42 9.61
C SER A 132 -19.45 15.39 10.62
N ASP A 133 -20.76 15.17 10.66
CA ASP A 133 -21.31 14.11 11.50
C ASP A 133 -21.34 12.75 10.81
N GLU A 134 -20.89 12.70 9.55
CA GLU A 134 -20.73 11.44 8.83
C GLU A 134 -19.34 11.26 8.26
N THR A 135 -19.02 10.05 7.82
CA THR A 135 -17.71 9.75 7.22
C THR A 135 -17.49 10.62 5.97
N MSE A 136 -16.36 11.32 5.95
CA MSE A 136 -15.98 12.17 4.84
C MSE A 136 -15.22 11.36 3.79
O MSE A 136 -14.41 10.51 4.12
CB MSE A 136 -15.10 13.31 5.36
CG MSE A 136 -14.61 14.25 4.29
SE MSE A 136 -13.83 15.78 5.19
CE MSE A 136 -12.15 14.97 5.65
N ILE A 137 -15.50 11.65 2.50
CA ILE A 137 -14.87 10.93 1.38
C ILE A 137 -14.14 11.96 0.52
N PHE A 138 -12.81 11.84 0.45
CA PHE A 138 -11.94 12.80 -0.26
C PHE A 138 -10.70 12.18 -0.89
N GLY A 139 -10.19 12.87 -1.92
CA GLY A 139 -8.87 12.61 -2.47
C GLY A 139 -8.04 13.87 -2.24
N VAL A 140 -6.73 13.69 -2.11
CA VAL A 140 -5.78 14.81 -1.96
C VAL A 140 -4.49 14.46 -2.70
N GLY A 141 -3.81 15.46 -3.26
CA GLY A 141 -2.62 15.23 -4.06
C GLY A 141 -1.83 16.51 -4.26
N GLY A 142 -0.54 16.36 -4.56
CA GLY A 142 0.31 17.48 -4.98
C GLY A 142 0.48 17.46 -6.50
N HIS A 143 0.97 18.57 -7.04
CA HIS A 143 1.05 18.75 -8.51
C HIS A 143 2.19 19.75 -8.86
N PRO A 144 3.38 19.63 -8.20
CA PRO A 144 4.41 20.63 -8.50
C PRO A 144 4.91 20.54 -9.95
N GLY A 145 5.04 21.69 -10.64
CA GLY A 145 5.71 21.73 -11.95
C GLY A 145 7.14 22.19 -11.80
N PHE A 146 8.09 21.41 -12.34
CA PHE A 146 9.53 21.71 -12.27
C PHE A 146 10.10 22.09 -13.61
N ASN A 147 10.81 23.22 -13.67
CA ASN A 147 11.55 23.62 -14.88
C ASN A 147 12.57 22.57 -15.30
N LEU A 148 12.76 22.41 -16.61
CA LEU A 148 13.92 21.73 -17.15
C LEU A 148 14.83 22.85 -17.65
N PRO A 149 15.98 23.07 -16.97
CA PRO A 149 16.85 24.18 -17.40
C PRO A 149 17.47 23.94 -18.77
N THR A 150 17.48 24.97 -19.61
CA THR A 150 18.04 24.87 -20.93
C THR A 150 18.87 26.11 -21.27
N ASP A 151 19.52 26.68 -20.25
CA ASP A 151 20.32 27.90 -20.44
C ASP A 151 21.75 27.62 -20.95
N HIS A 152 22.16 26.36 -20.92
CA HIS A 152 23.50 26.01 -21.39
C HIS A 152 23.48 24.88 -22.42
N GLY A 153 22.56 24.99 -23.38
CA GLY A 153 22.53 24.10 -24.53
C GLY A 153 21.80 22.79 -24.29
N GLU A 154 21.16 22.63 -23.14
CA GLU A 154 20.39 21.41 -22.87
C GLU A 154 19.03 21.47 -23.57
N ASN A 155 18.47 20.29 -23.77
CA ASN A 155 17.18 20.11 -24.40
C ASN A 155 16.34 19.22 -23.49
N LYS A 156 15.00 19.33 -23.58
CA LYS A 156 14.09 18.45 -22.83
C LYS A 156 14.47 16.97 -22.90
N GLU A 157 14.94 16.51 -24.07
CA GLU A 157 15.26 15.08 -24.24
C GLU A 157 16.57 14.66 -23.57
N ASP A 158 17.26 15.63 -22.97
CA ASP A 158 18.44 15.31 -22.13
C ASP A 158 18.02 15.03 -20.70
N PHE A 159 16.74 15.20 -20.39
CA PHE A 159 16.23 14.96 -19.04
C PHE A 159 15.48 13.65 -18.96
N TYR A 160 15.38 13.12 -17.75
CA TYR A 160 14.69 11.87 -17.56
C TYR A 160 14.20 11.80 -16.13
N PHE A 161 13.29 10.87 -15.89
CA PHE A 161 12.94 10.51 -14.50
C PHE A 161 13.28 9.05 -14.23
N ASP A 162 13.61 8.80 -12.98
CA ASP A 162 14.06 7.53 -12.52
C ASP A 162 13.37 7.25 -11.20
N MSE A 163 12.75 6.09 -11.09
CA MSE A 163 12.02 5.78 -9.86
C MSE A 163 12.78 4.77 -9.01
O MSE A 163 13.34 3.79 -9.53
CB MSE A 163 10.63 5.28 -10.20
CG MSE A 163 9.91 6.25 -11.11
SE MSE A 163 8.07 5.68 -11.44
CE MSE A 163 7.50 5.66 -9.62
N HIS A 164 12.84 5.02 -7.72
CA HIS A 164 13.43 4.10 -6.77
C HIS A 164 12.35 3.70 -5.75
N PRO A 165 12.30 2.40 -5.36
CA PRO A 165 13.11 1.26 -5.82
C PRO A 165 12.92 1.02 -7.30
N SER A 166 13.92 0.40 -7.95
CA SER A 166 13.90 0.19 -9.39
C SER A 166 13.16 -1.10 -9.66
N VAL A 167 11.84 -0.97 -9.75
CA VAL A 167 10.99 -2.13 -10.04
C VAL A 167 9.98 -1.72 -11.07
N THR A 168 9.56 -2.70 -11.87
CA THR A 168 8.47 -2.48 -12.83
C THR A 168 7.17 -2.26 -12.06
N ARG A 169 6.40 -1.28 -12.48
CA ARG A 169 5.17 -0.88 -11.80
C ARG A 169 4.01 -0.83 -12.78
N VAL A 170 2.79 -0.97 -12.26
CA VAL A 170 1.61 -0.96 -13.12
C VAL A 170 1.31 0.48 -13.53
N ARG A 171 1.20 0.73 -14.82
CA ARG A 171 0.73 2.04 -15.32
C ARG A 171 -0.77 1.96 -15.56
N ILE A 172 -1.49 3.00 -15.16
CA ILE A 172 -2.92 3.12 -15.47
C ILE A 172 -3.09 4.17 -16.56
N PRO A 173 -3.41 3.73 -17.79
CA PRO A 173 -3.50 4.75 -18.83
C PRO A 173 -4.76 5.59 -18.71
N LEU A 174 -4.69 6.83 -19.18
CA LEU A 174 -5.86 7.71 -19.22
C LEU A 174 -6.47 7.71 -20.61
N LYS A 175 -7.79 7.68 -20.68
CA LYS A 175 -8.51 7.82 -21.95
C LYS A 175 -9.71 8.74 -21.66
N ASP A 176 -9.76 9.89 -22.32
CA ASP A 176 -10.82 10.90 -22.10
C ASP A 176 -10.95 11.29 -20.63
N ALA A 177 -9.80 11.47 -19.98
CA ALA A 177 -9.68 11.93 -18.61
C ALA A 177 -10.19 10.96 -17.54
N SER A 178 -10.58 9.75 -17.98
CA SER A 178 -10.94 8.67 -17.06
C SER A 178 -9.90 7.58 -17.12
N LEU A 179 -9.82 6.77 -16.06
CA LEU A 179 -8.91 5.60 -16.06
C LEU A 179 -9.37 4.51 -17.04
N ASP A 180 -8.52 4.22 -18.02
CA ASP A 180 -8.72 3.16 -18.98
C ASP A 180 -8.33 1.84 -18.28
N TRP A 181 -9.17 1.45 -17.32
CA TRP A 181 -8.82 0.44 -16.35
C TRP A 181 -8.31 -0.86 -16.96
N ASN A 182 -8.98 -1.35 -17.99
CA ASN A 182 -8.63 -2.67 -18.52
C ASN A 182 -7.32 -2.72 -19.30
N ASN A 183 -6.74 -1.54 -19.51
CA ASN A 183 -5.43 -1.44 -20.14
C ASN A 183 -4.27 -1.15 -19.17
N ARG A 184 -4.50 -1.36 -17.89
CA ARG A 184 -3.39 -1.32 -16.92
C ARG A 184 -2.36 -2.35 -17.37
N SER A 185 -1.08 -2.01 -17.26
CA SER A 185 -0.02 -2.91 -17.70
C SER A 185 1.24 -2.61 -16.91
N LEU A 186 2.13 -3.61 -16.76
CA LEU A 186 3.42 -3.38 -16.11
C LEU A 186 4.31 -2.52 -17.00
N ALA A 187 4.87 -1.47 -16.42
CA ALA A 187 5.67 -0.49 -17.18
C ALA A 187 7.14 -0.53 -16.80
N PRO A 188 8.04 -0.12 -17.72
CA PRO A 188 9.50 -0.26 -17.47
C PRO A 188 10.07 0.82 -16.53
N THR A 189 9.52 0.88 -15.31
CA THR A 189 9.92 1.85 -14.31
C THR A 189 11.09 1.31 -13.48
N ASP A 190 11.68 0.21 -13.94
CA ASP A 190 12.88 -0.31 -13.27
C ASP A 190 14.15 0.29 -13.85
N SER A 191 13.99 1.23 -14.78
CA SER A 191 15.11 2.05 -15.25
C SER A 191 14.58 3.40 -15.71
N LEU A 192 15.47 4.31 -16.10
CA LEU A 192 15.08 5.68 -16.42
C LEU A 192 14.12 5.76 -17.60
N ILE A 193 13.29 6.79 -17.58
CA ILE A 193 12.43 7.10 -18.74
C ILE A 193 12.73 8.53 -19.16
N ALA A 194 13.17 8.73 -20.41
CA ALA A 194 13.54 10.09 -20.89
C ALA A 194 12.30 10.93 -21.20
N LEU A 195 12.42 12.23 -20.99
CA LEU A 195 11.33 13.14 -21.29
C LEU A 195 11.37 13.53 -22.77
N SER A 196 10.21 13.89 -23.30
CA SER A 196 10.08 14.33 -24.67
C SER A 196 8.71 14.98 -24.82
N ASP A 197 8.56 15.76 -25.89
CA ASP A 197 7.27 16.38 -26.20
C ASP A 197 6.15 15.32 -26.37
N ASP A 198 6.48 14.23 -27.06
CA ASP A 198 5.53 13.17 -27.40
C ASP A 198 5.16 12.26 -26.21
N LEU A 199 6.02 12.20 -25.21
CA LEU A 199 5.80 11.32 -24.06
C LEU A 199 4.40 11.45 -23.44
N PHE A 200 3.91 12.68 -23.38
CA PHE A 200 2.63 12.95 -22.77
C PHE A 200 1.50 13.15 -23.76
N LYS A 201 1.63 12.54 -24.95
CA LYS A 201 0.59 12.68 -25.99
C LYS A 201 -0.76 12.09 -25.56
N ASP A 202 -0.70 11.06 -24.73
CA ASP A 202 -1.89 10.40 -24.20
C ASP A 202 -2.17 10.79 -22.75
N ASP A 203 -1.80 12.01 -22.38
CA ASP A 203 -2.02 12.56 -21.03
C ASP A 203 -1.03 11.94 -20.00
N ALA A 204 -1.31 12.16 -18.72
CA ALA A 204 -0.42 11.81 -17.61
C ALA A 204 -0.04 10.34 -17.58
N LEU A 205 1.21 10.06 -17.20
CA LEU A 205 1.65 8.69 -16.94
C LEU A 205 1.32 8.43 -15.46
N ILE A 206 0.50 7.41 -15.19
CA ILE A 206 0.05 7.17 -13.83
C ILE A 206 0.57 5.83 -13.37
N TYR A 207 1.34 5.83 -12.28
CA TYR A 207 1.95 4.60 -11.76
C TYR A 207 1.40 4.24 -10.39
N GLU A 208 1.05 2.96 -10.24
CA GLU A 208 0.63 2.40 -8.97
C GLU A 208 1.88 2.22 -8.13
N LEU A 209 1.86 2.83 -6.93
CA LEU A 209 2.98 2.74 -5.99
C LEU A 209 2.66 1.80 -4.83
N ARG A 210 3.71 1.22 -4.27
CA ARG A 210 3.60 0.30 -3.16
C ARG A 210 4.66 0.69 -2.12
N GLY A 211 4.34 0.50 -0.83
CA GLY A 211 5.26 0.80 0.26
C GLY A 211 5.47 2.30 0.48
N ASN A 212 6.47 2.67 1.25
CA ASN A 212 6.70 4.10 1.53
C ASN A 212 8.09 4.64 1.22
N ASP A 213 8.80 3.93 0.37
CA ASP A 213 10.18 4.30 0.07
C ASP A 213 10.34 4.80 -1.34
N ASN A 214 9.23 5.15 -1.98
CA ASN A 214 9.29 5.55 -3.37
C ASN A 214 9.84 6.94 -3.53
N LYS A 215 10.73 7.06 -4.49
CA LYS A 215 11.32 8.35 -4.83
C LYS A 215 11.39 8.47 -6.33
N VAL A 216 10.98 9.61 -6.85
CA VAL A 216 11.07 9.88 -8.28
C VAL A 216 12.19 10.93 -8.46
N SER A 217 13.22 10.62 -9.25
CA SER A 217 14.32 11.57 -9.47
C SER A 217 14.23 12.12 -10.87
N LEU A 218 14.26 13.44 -10.94
CA LEU A 218 14.33 14.13 -12.21
C LEU A 218 15.75 14.69 -12.38
N ARG A 219 16.42 14.23 -13.45
CA ARG A 219 17.84 14.49 -13.67
C ARG A 219 18.18 14.69 -15.15
N THR A 220 19.44 15.05 -15.38
CA THR A 220 20.03 15.08 -16.70
C THR A 220 21.49 14.69 -16.56
N ASP A 221 22.03 13.94 -17.52
CA ASP A 221 23.43 13.65 -17.42
C ASP A 221 24.31 14.76 -18.00
N LYS A 222 23.67 15.88 -18.37
CA LYS A 222 24.40 17.06 -18.88
C LYS A 222 25.01 17.92 -17.80
N ASN A 223 24.43 17.87 -16.60
CA ASN A 223 24.89 18.70 -15.47
C ASN A 223 24.31 18.17 -14.16
N LYS A 224 24.43 18.95 -13.10
CA LYS A 224 24.16 18.45 -11.74
C LYS A 224 22.70 18.64 -11.30
N PHE A 225 21.87 19.10 -12.23
CA PHE A 225 20.45 19.31 -11.97
C PHE A 225 19.77 18.02 -11.49
N HIS A 226 19.05 18.14 -10.39
CA HIS A 226 18.45 16.97 -9.75
C HIS A 226 17.33 17.46 -8.84
N VAL A 227 16.10 17.06 -9.17
CA VAL A 227 14.96 17.27 -8.30
C VAL A 227 14.49 15.88 -7.87
N ASN A 228 14.43 15.67 -6.57
CA ASN A 228 13.98 14.40 -6.02
C ASN A 228 12.67 14.52 -5.27
N VAL A 229 11.69 13.67 -5.59
CA VAL A 229 10.40 13.71 -4.92
C VAL A 229 10.18 12.40 -4.18
N TRP A 230 10.12 12.48 -2.86
CA TRP A 230 9.86 11.32 -2.02
C TRP A 230 8.34 11.31 -1.76
N THR A 231 7.67 10.24 -2.22
CA THR A 231 6.20 10.23 -2.24
C THR A 231 5.60 9.57 -1.00
N ARG A 232 6.47 9.21 -0.05
CA ARG A 232 6.04 8.58 1.20
C ARG A 232 5.04 7.45 0.89
N ASP A 233 3.86 7.50 1.49
CA ASP A 233 2.89 6.41 1.31
C ASP A 233 1.86 6.65 0.20
N ALA A 234 2.13 7.60 -0.72
CA ALA A 234 1.16 7.82 -1.81
C ALA A 234 0.94 6.50 -2.56
N PRO A 235 -0.33 6.12 -2.80
CA PRO A 235 -0.58 4.91 -3.59
C PRO A 235 -0.38 5.11 -5.10
N PHE A 236 -0.25 6.36 -5.54
CA PHE A 236 -0.10 6.66 -6.97
C PHE A 236 0.84 7.85 -7.14
N VAL A 237 1.48 7.92 -8.30
CA VAL A 237 2.13 9.15 -8.73
C VAL A 237 1.79 9.42 -10.19
N GLY A 238 1.47 10.66 -10.51
CA GLY A 238 1.29 11.02 -11.92
C GLY A 238 2.46 11.84 -12.42
N ILE A 239 2.89 11.55 -13.65
CA ILE A 239 3.92 12.35 -14.33
C ILE A 239 3.24 12.97 -15.55
N TRP A 240 3.38 14.29 -15.71
CA TRP A 240 2.63 14.98 -16.76
C TRP A 240 3.35 16.24 -17.23
N SER A 241 3.22 16.54 -18.52
CA SER A 241 3.50 17.89 -19.00
C SER A 241 2.46 18.21 -20.09
N GLN A 242 2.36 19.49 -20.48
CA GLN A 242 1.28 19.91 -21.40
C GLN A 242 1.47 19.33 -22.78
N TYR A 243 0.35 19.07 -23.46
CA TYR A 243 0.31 18.55 -24.82
C TYR A 243 -1.08 18.93 -25.39
N PRO A 244 -1.15 19.34 -26.69
CA PRO A 244 -0.12 19.44 -27.73
C PRO A 244 0.80 20.67 -27.65
N LYS A 245 0.43 21.71 -26.91
CA LYS A 245 1.32 22.86 -26.71
C LYS A 245 2.33 22.52 -25.60
N THR A 246 3.60 22.41 -25.94
CA THR A 246 4.58 21.90 -24.99
C THR A 246 5.53 22.98 -24.49
N ASP A 247 6.14 22.74 -23.33
CA ASP A 247 7.22 23.60 -22.87
C ASP A 247 8.13 22.79 -21.94
N ASN A 248 9.19 23.44 -21.46
CA ASN A 248 10.28 22.74 -20.80
C ASN A 248 10.08 22.65 -19.28
N TYR A 249 9.13 21.81 -18.91
CA TYR A 249 8.85 21.51 -17.50
C TYR A 249 8.18 20.15 -17.45
N VAL A 250 8.07 19.62 -16.24
CA VAL A 250 7.36 18.37 -16.02
C VAL A 250 6.78 18.43 -14.61
N CYS A 251 5.60 17.84 -14.42
CA CYS A 251 5.05 17.72 -13.07
C CYS A 251 5.22 16.29 -12.57
N ILE A 252 5.52 16.17 -11.28
CA ILE A 252 5.59 14.88 -10.57
C ILE A 252 4.58 15.02 -9.46
N GLU A 253 3.49 14.25 -9.54
CA GLU A 253 2.29 14.48 -8.73
C GLU A 253 1.98 13.30 -7.77
N PRO A 254 2.38 13.40 -6.50
CA PRO A 254 2.01 12.33 -5.54
C PRO A 254 0.53 12.46 -5.20
N TRP A 255 -0.20 11.34 -5.29
CA TRP A 255 -1.64 11.33 -5.20
C TRP A 255 -2.11 10.34 -4.14
N TRP A 256 -3.02 10.81 -3.29
CA TRP A 256 -3.80 9.98 -2.37
C TRP A 256 -5.27 10.08 -2.84
N GLY A 257 -5.50 9.67 -4.08
CA GLY A 257 -6.80 9.85 -4.74
C GLY A 257 -6.54 9.69 -6.22
N ILE A 258 -7.59 9.51 -7.02
CA ILE A 258 -7.39 9.33 -8.45
C ILE A 258 -8.65 9.67 -9.25
N ALA A 259 -8.46 9.95 -10.53
CA ALA A 259 -9.58 10.24 -11.42
C ALA A 259 -10.62 9.09 -11.42
N ASP A 260 -11.84 9.39 -11.83
CA ASP A 260 -12.85 8.35 -12.09
C ASP A 260 -12.31 7.28 -13.06
N ARG A 261 -12.65 6.04 -12.78
CA ARG A 261 -12.50 4.96 -13.76
C ARG A 261 -13.50 5.12 -14.87
N ASP A 262 -13.16 4.57 -16.04
CA ASP A 262 -14.07 4.64 -17.18
C ASP A 262 -15.45 4.08 -16.83
N ASP A 263 -15.49 3.10 -15.94
CA ASP A 263 -16.76 2.47 -15.52
C ASP A 263 -17.33 2.92 -14.15
N ALA A 264 -16.88 4.06 -13.63
CA ALA A 264 -17.39 4.52 -12.34
C ALA A 264 -18.91 4.72 -12.39
N ASP A 265 -19.63 4.34 -11.32
CA ASP A 265 -21.08 4.58 -11.27
C ASP A 265 -21.47 5.98 -10.83
N GLY A 266 -20.49 6.77 -10.38
CA GLY A 266 -20.73 8.16 -10.01
C GLY A 266 -21.09 8.38 -8.56
N ASP A 267 -21.37 7.30 -7.83
CA ASP A 267 -21.66 7.38 -6.40
C ASP A 267 -20.36 7.61 -5.62
N LEU A 268 -20.27 8.75 -4.93
CA LEU A 268 -19.06 9.05 -4.14
C LEU A 268 -18.66 7.93 -3.18
N GLU A 269 -19.67 7.27 -2.61
CA GLU A 269 -19.41 6.18 -1.69
C GLU A 269 -18.83 4.95 -2.38
N HIS A 270 -18.93 4.86 -3.70
CA HIS A 270 -18.33 3.74 -4.44
C HIS A 270 -17.07 4.13 -5.22
N LYS A 271 -16.69 5.40 -5.16
CA LYS A 271 -15.60 5.90 -6.01
C LYS A 271 -14.24 5.32 -5.62
N TYR A 272 -13.66 4.54 -6.54
CA TYR A 272 -12.34 3.93 -6.36
C TYR A 272 -11.25 4.90 -5.92
N GLY A 273 -10.45 4.46 -4.94
CA GLY A 273 -9.23 5.17 -4.51
C GLY A 273 -9.44 6.40 -3.64
N MSE A 274 -10.65 6.58 -3.12
CA MSE A 274 -10.94 7.72 -2.23
C MSE A 274 -10.57 7.36 -0.82
O MSE A 274 -10.59 6.17 -0.46
CB MSE A 274 -12.41 8.14 -2.29
CG MSE A 274 -12.82 8.81 -3.60
SE MSE A 274 -11.92 10.55 -3.82
CE MSE A 274 -13.40 11.70 -3.27
N ASN A 275 -10.20 8.36 -0.04
CA ASN A 275 -10.01 8.21 1.41
C ASN A 275 -11.34 8.34 2.18
N HIS A 276 -11.55 7.47 3.16
CA HIS A 276 -12.74 7.53 4.03
C HIS A 276 -12.33 7.88 5.45
N LEU A 277 -12.82 9.02 5.94
CA LEU A 277 -12.37 9.59 7.20
C LEU A 277 -13.53 9.77 8.18
N LYS A 278 -13.48 9.01 9.28
CA LYS A 278 -14.57 9.06 10.25
C LYS A 278 -14.69 10.43 10.96
N PRO A 279 -15.90 10.76 11.45
CA PRO A 279 -16.15 12.06 12.08
C PRO A 279 -15.14 12.39 13.18
N GLY A 280 -14.62 13.61 13.14
CA GLY A 280 -13.65 14.09 14.13
C GLY A 280 -12.21 13.64 13.94
N LYS A 281 -11.97 12.70 13.05
CA LYS A 281 -10.63 12.13 12.84
C LYS A 281 -9.75 12.96 11.90
N GLU A 282 -8.45 12.69 11.96
CA GLU A 282 -7.45 13.35 11.12
C GLU A 282 -6.75 12.35 10.20
N PHE A 283 -6.64 12.74 8.93
CA PHE A 283 -5.83 12.07 7.93
C PHE A 283 -4.58 12.92 7.70
N GLN A 284 -3.42 12.28 7.64
CA GLN A 284 -2.20 12.99 7.32
C GLN A 284 -1.47 12.30 6.20
N ALA A 285 -1.02 13.10 5.23
CA ALA A 285 -0.19 12.60 4.13
C ALA A 285 0.74 13.73 3.72
N GLY A 286 1.62 13.45 2.76
CA GLY A 286 2.51 14.48 2.25
C GLY A 286 3.68 13.89 1.55
N PHE A 287 4.52 14.78 1.02
CA PHE A 287 5.69 14.36 0.27
C PHE A 287 6.81 15.39 0.43
N SER A 288 8.00 15.03 -0.01
CA SER A 288 9.17 15.88 0.19
C SER A 288 9.93 16.06 -1.11
N MSE A 289 10.52 17.23 -1.28
CA MSE A 289 11.23 17.55 -2.51
C MSE A 289 12.61 18.07 -2.15
O MSE A 289 12.72 18.91 -1.25
CB MSE A 289 10.48 18.64 -3.29
CG MSE A 289 9.13 18.23 -3.89
SE MSE A 289 7.97 19.76 -4.26
CE MSE A 289 7.50 20.17 -2.37
N THR A 290 13.65 17.57 -2.82
CA THR A 290 14.98 18.16 -2.71
C THR A 290 15.41 18.73 -4.07
N TYR A 291 16.16 19.82 -4.04
CA TYR A 291 16.56 20.51 -5.25
C TYR A 291 18.07 20.68 -5.34
N HIS A 292 18.61 20.42 -6.53
CA HIS A 292 20.01 20.68 -6.82
C HIS A 292 20.13 21.37 -8.17
N SER A 293 20.90 22.48 -8.18
CA SER A 293 21.14 23.29 -9.36
C SER A 293 21.97 22.57 -10.42
N THR A 294 22.03 23.16 -11.61
CA THR A 294 22.90 22.63 -12.66
C THR A 294 24.37 22.66 -12.22
N THR A 295 24.70 23.55 -11.29
CA THR A 295 26.06 23.70 -10.76
C THR A 295 26.08 23.43 -9.25
N ASP A 296 27.27 23.46 -8.64
CA ASP A 296 27.43 23.10 -7.20
C ASP A 296 26.65 24.02 -6.28
N GLU A 297 26.08 23.45 -5.22
CA GLU A 297 25.35 24.24 -4.23
C GLU A 297 26.33 24.72 -3.17
N VAL A 298 27.14 25.70 -3.55
CA VAL A 298 28.19 26.25 -2.70
C VAL A 298 28.21 27.76 -2.95
N LYS A 299 28.82 28.51 -2.04
CA LYS A 299 29.04 29.94 -2.24
C LYS A 299 30.02 30.11 -3.40
N LEU A 300 29.70 31.00 -4.34
CA LEU A 300 30.53 31.06 -5.53
C LEU A 300 31.78 31.89 -5.29
N MSE B 1 -0.56 -27.64 24.82
CA MSE B 1 -1.90 -27.49 25.44
C MSE B 1 -2.90 -26.89 24.46
O MSE B 1 -2.58 -25.89 23.82
CB MSE B 1 -1.81 -26.63 26.71
CG MSE B 1 -3.06 -26.60 27.58
SE MSE B 1 -3.63 -28.38 28.23
CE MSE B 1 -4.39 -27.86 29.97
N ASP B 2 -4.10 -27.47 24.36
CA ASP B 2 -5.17 -26.94 23.50
C ASP B 2 -6.12 -26.07 24.31
N TYR B 3 -6.71 -25.07 23.64
CA TYR B 3 -7.67 -24.16 24.23
C TYR B 3 -8.82 -23.98 23.26
N THR B 4 -10.01 -23.81 23.80
CA THR B 4 -11.21 -23.63 22.99
C THR B 4 -11.80 -22.24 23.15
N ILE B 5 -12.09 -21.60 22.02
CA ILE B 5 -13.03 -20.48 21.99
C ILE B 5 -14.22 -20.89 21.13
N GLU B 6 -15.44 -20.54 21.55
CA GLU B 6 -16.62 -20.98 20.80
C GLU B 6 -17.85 -20.07 20.85
N ASN B 7 -18.76 -20.39 19.94
CA ASN B 7 -19.93 -19.61 19.55
C ASN B 7 -21.08 -20.57 19.38
N ASN B 8 -22.27 -20.06 19.12
CA ASN B 8 -23.38 -20.90 18.66
C ASN B 8 -23.16 -21.37 17.21
N MSE B 9 -22.22 -20.72 16.53
CA MSE B 9 -21.94 -20.96 15.11
C MSE B 9 -20.72 -21.86 14.92
O MSE B 9 -20.73 -22.79 14.12
CB MSE B 9 -21.67 -19.63 14.38
CG MSE B 9 -22.81 -18.63 14.41
SE MSE B 9 -24.37 -19.36 13.49
CE MSE B 9 -23.80 -19.00 11.64
N ILE B 10 -19.67 -21.54 15.67
CA ILE B 10 -18.34 -22.10 15.41
C ILE B 10 -17.63 -22.47 16.72
N LYS B 11 -16.91 -23.58 16.69
CA LYS B 11 -16.01 -23.98 17.77
C LYS B 11 -14.57 -24.07 17.26
N VAL B 12 -13.65 -23.34 17.91
CA VAL B 12 -12.25 -23.30 17.49
C VAL B 12 -11.33 -23.85 18.58
N VAL B 13 -10.41 -24.72 18.18
CA VAL B 13 -9.38 -25.25 19.08
C VAL B 13 -8.03 -24.73 18.57
N ILE B 14 -7.27 -24.13 19.49
CA ILE B 14 -5.98 -23.50 19.20
C ILE B 14 -4.94 -24.00 20.22
N SER B 15 -3.75 -24.36 19.75
CA SER B 15 -2.66 -24.81 20.64
C SER B 15 -1.75 -23.65 21.02
N ASP B 16 -1.24 -23.65 22.28
CA ASP B 16 -0.19 -22.68 22.65
C ASP B 16 1.14 -22.97 21.94
N HIS B 17 1.29 -24.17 21.38
CA HIS B 17 2.41 -24.46 20.47
C HIS B 17 2.19 -23.78 19.13
N GLY B 18 2.96 -22.72 18.89
CA GLY B 18 2.88 -21.95 17.66
C GLY B 18 1.64 -21.09 17.53
N ALA B 19 0.88 -20.98 18.62
CA ALA B 19 -0.40 -20.28 18.63
C ALA B 19 -1.24 -20.73 17.46
N GLU B 20 -1.29 -22.05 17.21
CA GLU B 20 -1.79 -22.58 15.93
C GLU B 20 -3.20 -23.16 16.06
N ILE B 21 -4.11 -22.70 15.20
CA ILE B 21 -5.45 -23.27 15.12
C ILE B 21 -5.32 -24.75 14.78
N GLN B 22 -5.96 -25.61 15.57
CA GLN B 22 -6.02 -27.04 15.29
C GLN B 22 -7.28 -27.45 14.54
N SER B 23 -8.38 -26.78 14.82
CA SER B 23 -9.70 -27.20 14.36
C SER B 23 -10.65 -26.02 14.39
N VAL B 24 -11.46 -25.91 13.34
CA VAL B 24 -12.61 -25.00 13.31
C VAL B 24 -13.75 -25.87 12.85
N LYS B 25 -14.78 -25.99 13.67
CA LYS B 25 -15.90 -26.88 13.37
C LYS B 25 -17.18 -26.09 13.46
N SER B 26 -18.06 -26.26 12.48
CA SER B 26 -19.42 -25.75 12.58
C SER B 26 -20.13 -26.39 13.76
N ALA B 27 -20.71 -25.57 14.63
CA ALA B 27 -21.50 -26.10 15.75
C ALA B 27 -22.83 -26.69 15.23
N HIS B 28 -23.22 -26.28 14.04
CA HIS B 28 -24.47 -26.76 13.47
C HIS B 28 -24.33 -28.06 12.66
N THR B 29 -23.28 -28.17 11.86
CA THR B 29 -23.10 -29.32 10.97
C THR B 29 -21.98 -30.28 11.38
N ASP B 30 -21.12 -29.85 12.31
CA ASP B 30 -19.89 -30.60 12.69
C ASP B 30 -18.78 -30.64 11.64
N GLU B 31 -18.97 -29.94 10.52
CA GLU B 31 -17.97 -29.94 9.46
C GLU B 31 -16.70 -29.28 9.95
N GLU B 32 -15.58 -29.94 9.68
CA GLU B 32 -14.25 -29.48 10.04
C GLU B 32 -13.66 -28.67 8.88
N PHE B 33 -13.38 -27.40 9.13
CA PHE B 33 -12.90 -26.52 8.08
C PHE B 33 -11.39 -26.56 7.91
N MSE B 34 -10.66 -27.00 8.94
CA MSE B 34 -9.20 -26.86 8.91
C MSE B 34 -8.54 -28.17 8.51
O MSE B 34 -8.88 -29.24 9.02
CB MSE B 34 -8.65 -26.41 10.27
CG MSE B 34 -9.29 -25.16 10.82
SE MSE B 34 -9.06 -23.61 9.62
CE MSE B 34 -7.16 -23.70 9.23
N TRP B 35 -7.59 -28.06 7.58
CA TRP B 35 -6.72 -29.19 7.24
C TRP B 35 -6.12 -29.82 8.50
N GLN B 36 -6.11 -31.16 8.56
CA GLN B 36 -5.79 -31.87 9.78
C GLN B 36 -4.34 -32.37 9.83
N ALA B 37 -3.47 -31.69 9.09
CA ALA B 37 -2.02 -31.87 9.24
C ALA B 37 -1.49 -33.30 9.05
N ASN B 38 -2.01 -34.03 8.07
CA ASN B 38 -1.51 -35.37 7.75
C ASN B 38 -0.03 -35.24 7.32
N PRO B 39 0.91 -35.82 8.09
CA PRO B 39 2.32 -35.57 7.78
C PRO B 39 2.84 -36.26 6.54
N GLU B 40 2.04 -37.13 5.93
CA GLU B 40 2.40 -37.76 4.65
C GLU B 40 2.33 -36.72 3.54
N ILE B 41 1.64 -35.62 3.83
CA ILE B 41 1.38 -34.57 2.86
C ILE B 41 1.96 -33.22 3.33
N TRP B 42 1.45 -32.72 4.46
CA TRP B 42 1.89 -31.45 5.02
C TRP B 42 1.50 -31.48 6.48
N GLY B 43 2.48 -31.61 7.36
CA GLY B 43 2.23 -31.87 8.77
C GLY B 43 1.98 -30.66 9.64
N ARG B 44 1.30 -29.66 9.09
CA ARG B 44 0.87 -28.50 9.88
C ARG B 44 -0.60 -28.20 9.60
N HIS B 45 -1.25 -27.44 10.47
CA HIS B 45 -2.65 -27.04 10.25
C HIS B 45 -2.73 -25.65 9.65
N ALA B 46 -2.05 -24.69 10.29
CA ALA B 46 -2.29 -23.26 10.05
C ALA B 46 -1.19 -22.44 10.72
N PRO B 47 0.07 -22.66 10.33
CA PRO B 47 1.12 -22.01 11.13
C PRO B 47 1.07 -20.48 11.11
N VAL B 48 1.66 -19.89 12.15
CA VAL B 48 1.94 -18.45 12.22
C VAL B 48 3.36 -18.21 11.71
N LEU B 49 3.54 -17.20 10.86
CA LEU B 49 4.81 -16.96 10.20
C LEU B 49 5.43 -15.71 10.80
N PHE B 50 6.59 -15.85 11.42
CA PHE B 50 7.26 -14.76 12.15
C PHE B 50 8.61 -15.28 12.68
N PRO B 51 9.66 -14.43 12.60
CA PRO B 51 9.70 -13.05 12.11
C PRO B 51 10.10 -12.88 10.64
N ILE B 52 9.94 -13.93 9.88
CA ILE B 52 9.97 -13.81 8.42
C ILE B 52 8.84 -14.61 7.81
N VAL B 53 8.46 -14.18 6.61
CA VAL B 53 7.53 -14.91 5.78
C VAL B 53 8.41 -15.47 4.65
N GLY B 54 8.29 -16.77 4.42
CA GLY B 54 8.95 -17.42 3.30
C GLY B 54 10.40 -17.71 3.67
N ARG B 55 11.17 -18.13 2.68
CA ARG B 55 12.52 -18.59 2.91
C ARG B 55 13.58 -17.54 2.58
N LEU B 56 14.69 -17.59 3.30
CA LEU B 56 15.85 -16.79 3.00
C LEU B 56 16.80 -17.60 2.14
N LYS B 57 17.50 -16.94 1.23
CA LYS B 57 18.56 -17.64 0.51
C LYS B 57 19.59 -18.27 1.46
N ASN B 58 19.80 -19.57 1.31
CA ASN B 58 20.72 -20.33 2.19
C ASN B 58 20.31 -20.32 3.68
N ASP B 59 19.05 -19.93 3.95
CA ASP B 59 18.50 -19.89 5.30
C ASP B 59 19.33 -19.00 6.20
N GLU B 60 19.81 -17.89 5.64
CA GLU B 60 20.67 -16.97 6.39
C GLU B 60 20.47 -15.54 5.96
N TYR B 61 20.80 -14.63 6.87
CA TYR B 61 20.88 -13.23 6.54
C TYR B 61 22.01 -12.63 7.34
N THR B 62 22.43 -11.44 6.94
CA THR B 62 23.40 -10.70 7.73
C THR B 62 22.72 -9.48 8.33
N TYR B 63 23.18 -9.08 9.51
CA TYR B 63 22.64 -7.90 10.15
C TYR B 63 23.74 -7.33 11.04
N LYS B 64 24.12 -6.09 10.75
CA LYS B 64 25.16 -5.39 11.50
C LYS B 64 26.42 -6.23 11.76
N GLY B 65 26.95 -6.80 10.68
CA GLY B 65 28.28 -7.41 10.73
C GLY B 65 28.31 -8.86 11.15
N LYS B 66 27.12 -9.45 11.30
CA LYS B 66 26.98 -10.83 11.82
C LYS B 66 25.96 -11.61 11.00
N THR B 67 26.31 -12.86 10.70
CA THR B 67 25.47 -13.78 9.98
C THR B 67 24.62 -14.61 10.95
N TYR B 68 23.33 -14.70 10.64
CA TYR B 68 22.37 -15.46 11.43
C TYR B 68 21.73 -16.51 10.57
N HIS B 69 21.37 -17.63 11.18
CA HIS B 69 20.68 -18.69 10.45
C HIS B 69 19.23 -18.75 10.89
N LEU B 70 18.32 -18.65 9.94
CA LEU B 70 16.90 -18.66 10.27
C LEU B 70 16.14 -19.37 9.16
N GLY B 71 15.40 -20.41 9.56
CA GLY B 71 14.64 -21.23 8.64
C GLY B 71 13.37 -20.61 8.10
N GLN B 72 12.81 -21.27 7.09
CA GLN B 72 11.65 -20.76 6.36
C GLN B 72 10.50 -20.45 7.32
N HIS B 73 9.89 -19.27 7.15
CA HIS B 73 8.75 -18.80 7.95
C HIS B 73 9.10 -18.48 9.43
N GLY B 74 10.39 -18.45 9.75
CA GLY B 74 10.84 -18.07 11.09
C GLY B 74 10.59 -19.11 12.16
N PHE B 75 10.49 -18.67 13.41
CA PHE B 75 10.48 -19.59 14.54
C PHE B 75 9.14 -19.66 15.26
N ALA B 76 8.21 -18.76 14.94
CA ALA B 76 6.96 -18.71 15.71
C ALA B 76 6.29 -20.08 15.79
N ARG B 77 6.29 -20.82 14.68
CA ARG B 77 5.53 -22.06 14.62
C ARG B 77 6.12 -23.20 15.46
N ASN B 78 7.37 -23.05 15.87
CA ASN B 78 8.01 -24.04 16.76
C ASN B 78 8.13 -23.57 18.21
N ALA B 79 7.57 -22.41 18.48
CA ALA B 79 7.70 -21.79 19.79
C ALA B 79 6.46 -22.03 20.62
N ASP B 80 6.63 -22.12 21.93
CA ASP B 80 5.52 -22.22 22.84
C ASP B 80 5.13 -20.85 23.38
N PHE B 81 3.88 -20.47 23.12
CA PHE B 81 3.35 -19.19 23.56
C PHE B 81 2.71 -19.37 24.93
N GLU B 82 2.60 -18.28 25.67
CA GLU B 82 1.77 -18.32 26.86
C GLU B 82 0.43 -17.67 26.57
N VAL B 83 -0.60 -18.09 27.32
CA VAL B 83 -1.94 -17.51 27.18
C VAL B 83 -2.06 -16.29 28.09
N GLU B 84 -2.18 -15.12 27.46
CA GLU B 84 -2.26 -13.86 28.19
C GLU B 84 -3.67 -13.53 28.62
N ASN B 85 -4.64 -13.91 27.81
CA ASN B 85 -6.06 -13.66 28.09
C ASN B 85 -6.89 -14.69 27.36
N HIS B 86 -7.98 -15.11 27.97
CA HIS B 86 -8.87 -16.13 27.42
C HIS B 86 -10.26 -15.89 27.98
N THR B 87 -11.19 -15.58 27.08
CA THR B 87 -12.61 -15.58 27.38
C THR B 87 -13.27 -16.61 26.45
N LYS B 88 -14.60 -16.74 26.54
CA LYS B 88 -15.33 -17.73 25.75
C LYS B 88 -15.11 -17.56 24.25
N GLU B 89 -15.04 -16.31 23.80
CA GLU B 89 -15.00 -15.98 22.38
C GLU B 89 -13.67 -15.35 21.93
N SER B 90 -12.69 -15.30 22.83
CA SER B 90 -11.42 -14.61 22.54
C SER B 90 -10.25 -15.21 23.30
N ILE B 91 -9.10 -15.29 22.63
CA ILE B 91 -7.87 -15.76 23.31
C ILE B 91 -6.65 -15.02 22.74
N THR B 92 -5.69 -14.69 23.60
CA THR B 92 -4.46 -14.05 23.16
C THR B 92 -3.25 -14.84 23.61
N PHE B 93 -2.42 -15.22 22.63
CA PHE B 93 -1.15 -15.90 22.88
C PHE B 93 -0.04 -14.88 22.80
N LEU B 94 0.95 -15.02 23.68
CA LEU B 94 2.09 -14.10 23.73
C LEU B 94 3.40 -14.86 23.65
N LEU B 95 4.30 -14.39 22.79
CA LEU B 95 5.67 -14.88 22.68
C LEU B 95 6.63 -13.72 22.86
N LYS B 96 7.54 -13.86 23.82
CA LYS B 96 8.64 -12.92 24.00
C LYS B 96 9.94 -13.57 23.52
N ASP B 97 10.93 -12.72 23.23
CA ASP B 97 12.25 -13.21 22.89
C ASP B 97 12.83 -14.02 24.05
N ASN B 98 13.66 -14.99 23.70
CA ASN B 98 14.35 -15.76 24.73
C ASN B 98 15.77 -16.04 24.26
N GLU B 99 16.54 -16.79 25.04
CA GLU B 99 17.93 -17.07 24.68
C GLU B 99 18.02 -17.71 23.30
N GLU B 100 17.12 -18.65 23.00
CA GLU B 100 17.12 -19.35 21.71
C GLU B 100 16.75 -18.46 20.53
N THR B 101 15.70 -17.64 20.66
CA THR B 101 15.32 -16.77 19.55
C THR B 101 16.42 -15.73 19.29
N ARG B 102 17.06 -15.26 20.36
CA ARG B 102 18.05 -14.21 20.19
C ARG B 102 19.29 -14.71 19.43
N LYS B 103 19.53 -16.03 19.45
CA LYS B 103 20.62 -16.62 18.67
C LYS B 103 20.41 -16.51 17.16
N VAL B 104 19.14 -16.47 16.73
CA VAL B 104 18.85 -16.50 15.30
C VAL B 104 18.24 -15.18 14.83
N TYR B 105 17.95 -14.29 15.77
CA TYR B 105 17.20 -13.06 15.50
C TYR B 105 17.48 -12.06 16.63
N PRO B 106 18.36 -11.08 16.37
CA PRO B 106 18.94 -10.31 17.48
C PRO B 106 18.07 -9.13 17.91
N PHE B 107 16.79 -9.40 18.16
CA PHE B 107 15.83 -8.37 18.60
C PHE B 107 15.03 -8.85 19.81
N LYS B 108 14.61 -7.89 20.65
CA LYS B 108 13.74 -8.16 21.79
C LYS B 108 12.33 -7.72 21.40
N PHE B 109 11.32 -8.50 21.72
CA PHE B 109 9.98 -8.20 21.22
C PHE B 109 8.89 -8.81 22.10
N GLU B 110 7.67 -8.32 21.90
CA GLU B 110 6.47 -9.02 22.38
C GLU B 110 5.62 -9.23 21.15
N PHE B 111 5.34 -10.50 20.84
CA PHE B 111 4.55 -10.85 19.67
C PHE B 111 3.29 -11.52 20.16
N ARG B 112 2.15 -10.90 19.83
CA ARG B 112 0.85 -11.37 20.28
C ARG B 112 0.02 -11.84 19.10
N VAL B 113 -0.59 -13.02 19.24
CA VAL B 113 -1.55 -13.53 18.26
C VAL B 113 -2.88 -13.67 18.99
N ASN B 114 -3.84 -12.86 18.58
CA ASN B 114 -5.18 -12.90 19.16
C ASN B 114 -6.17 -13.53 18.18
N TYR B 115 -6.98 -14.44 18.71
CA TYR B 115 -8.09 -14.98 17.95
C TYR B 115 -9.39 -14.58 18.63
N ASN B 116 -10.34 -14.11 17.85
CA ASN B 116 -11.68 -13.90 18.40
C ASN B 116 -12.80 -14.18 17.41
N LEU B 117 -13.95 -14.59 17.96
CA LEU B 117 -15.12 -15.00 17.19
C LEU B 117 -16.25 -14.00 17.31
N MSE B 118 -16.86 -13.66 16.17
CA MSE B 118 -18.15 -12.97 16.13
C MSE B 118 -18.97 -13.68 15.08
O MSE B 118 -18.63 -13.65 13.88
CB MSE B 118 -17.99 -11.49 15.80
CG MSE B 118 -19.27 -10.64 16.02
SE MSE B 118 -19.26 -8.87 15.10
CE MSE B 118 -17.45 -8.25 15.63
N ASN B 119 -20.06 -14.32 15.50
CA ASN B 119 -20.85 -15.18 14.62
C ASN B 119 -19.95 -16.24 13.98
N ASN B 120 -20.04 -16.40 12.67
CA ASN B 120 -19.22 -17.40 11.95
C ASN B 120 -17.88 -16.86 11.45
N LEU B 121 -17.46 -15.71 11.99
CA LEU B 121 -16.23 -15.03 11.59
C LEU B 121 -15.18 -15.16 12.69
N LEU B 122 -13.97 -15.54 12.27
CA LEU B 122 -12.84 -15.67 13.18
C LEU B 122 -11.71 -14.72 12.79
N GLU B 123 -11.32 -13.84 13.72
CA GLU B 123 -10.17 -12.95 13.51
C GLU B 123 -8.88 -13.64 13.94
N GLU B 124 -7.82 -13.39 13.18
CA GLU B 124 -6.46 -13.71 13.58
C GLU B 124 -5.67 -12.40 13.51
N ASN B 125 -5.35 -11.86 14.67
CA ASN B 125 -4.77 -10.53 14.80
C ASN B 125 -3.36 -10.58 15.34
N PHE B 126 -2.46 -9.83 14.72
CA PHE B 126 -1.06 -9.83 15.13
C PHE B 126 -0.69 -8.50 15.75
N SER B 127 0.05 -8.55 16.84
CA SER B 127 0.62 -7.37 17.45
C SER B 127 2.08 -7.65 17.75
N VAL B 128 2.95 -6.72 17.36
CA VAL B 128 4.39 -6.83 17.58
C VAL B 128 4.85 -5.54 18.24
N VAL B 129 5.37 -5.64 19.46
CA VAL B 129 5.97 -4.49 20.14
C VAL B 129 7.48 -4.70 20.15
N ASN B 130 8.21 -3.70 19.64
CA ASN B 130 9.66 -3.72 19.61
C ASN B 130 10.22 -3.34 20.97
N LYS B 131 10.94 -4.28 21.58
CA LYS B 131 11.54 -4.05 22.90
C LYS B 131 13.04 -3.78 22.82
N SER B 132 13.56 -3.66 21.60
CA SER B 132 15.00 -3.47 21.34
C SER B 132 15.38 -1.98 21.33
N ASP B 133 16.68 -1.69 21.39
CA ASP B 133 17.15 -0.31 21.27
C ASP B 133 17.42 0.10 19.82
N GLU B 134 17.27 -0.85 18.89
CA GLU B 134 17.33 -0.60 17.44
C GLU B 134 15.95 -0.80 16.81
N THR B 135 15.72 -0.17 15.68
CA THR B 135 14.57 -0.46 14.83
C THR B 135 14.57 -1.96 14.52
N MSE B 136 13.42 -2.60 14.76
CA MSE B 136 13.26 -4.02 14.53
C MSE B 136 12.78 -4.26 13.09
O MSE B 136 11.93 -3.53 12.59
CB MSE B 136 12.27 -4.57 15.55
CG MSE B 136 11.88 -5.99 15.35
SE MSE B 136 10.85 -6.52 16.91
CE MSE B 136 9.99 -8.14 16.16
N ILE B 137 13.35 -5.27 12.43
CA ILE B 137 12.95 -5.58 11.06
C ILE B 137 12.33 -6.99 11.05
N PHE B 138 11.08 -7.12 10.62
CA PHE B 138 10.36 -8.40 10.73
C PHE B 138 9.29 -8.53 9.65
N GLY B 139 8.95 -9.77 9.31
CA GLY B 139 7.78 -10.06 8.48
C GLY B 139 6.86 -10.92 9.32
N VAL B 140 5.57 -10.86 9.03
CA VAL B 140 4.61 -11.67 9.74
C VAL B 140 3.48 -12.04 8.77
N GLY B 141 2.88 -13.20 8.99
CA GLY B 141 1.83 -13.68 8.08
C GLY B 141 1.05 -14.85 8.64
N GLY B 142 -0.11 -15.09 8.05
CA GLY B 142 -0.92 -16.28 8.35
C GLY B 142 -0.74 -17.32 7.27
N HIS B 143 -1.17 -18.54 7.55
CA HIS B 143 -0.96 -19.69 6.65
C HIS B 143 -2.08 -20.75 6.90
N PRO B 144 -3.35 -20.32 7.09
CA PRO B 144 -4.35 -21.37 7.39
C PRO B 144 -4.59 -22.33 6.22
N GLY B 145 -4.76 -23.63 6.52
CA GLY B 145 -5.07 -24.63 5.48
C GLY B 145 -6.52 -25.08 5.64
N PHE B 146 -7.29 -24.98 4.57
CA PHE B 146 -8.73 -25.28 4.60
C PHE B 146 -9.01 -26.54 3.83
N ASN B 147 -9.77 -27.44 4.44
CA ASN B 147 -10.29 -28.63 3.75
C ASN B 147 -11.17 -28.26 2.58
N LEU B 148 -11.07 -29.05 1.52
CA LEU B 148 -12.09 -29.08 0.48
C LEU B 148 -12.95 -30.31 0.77
N PRO B 149 -14.25 -30.10 1.08
CA PRO B 149 -15.12 -31.25 1.39
C PRO B 149 -15.34 -32.13 0.16
N THR B 150 -14.62 -33.24 0.13
CA THR B 150 -14.47 -34.06 -1.07
C THR B 150 -14.69 -35.53 -0.76
N ASP B 151 -15.49 -35.85 0.27
CA ASP B 151 -15.66 -37.26 0.69
C ASP B 151 -17.03 -37.80 0.27
N HIS B 152 -17.82 -36.97 -0.39
CA HIS B 152 -19.19 -37.30 -0.74
C HIS B 152 -19.54 -36.80 -2.14
N GLY B 153 -18.69 -37.12 -3.10
CA GLY B 153 -19.03 -36.90 -4.50
C GLY B 153 -18.25 -35.83 -5.24
N GLU B 154 -17.71 -34.86 -4.50
CA GLU B 154 -16.93 -33.81 -5.13
C GLU B 154 -15.44 -34.14 -5.16
N ASN B 155 -14.72 -33.42 -6.02
CA ASN B 155 -13.29 -33.56 -6.10
C ASN B 155 -12.72 -32.15 -6.13
N LYS B 156 -11.39 -32.06 -6.00
CA LYS B 156 -10.69 -30.77 -5.96
C LYS B 156 -11.10 -29.80 -7.07
N GLU B 157 -11.31 -30.32 -8.28
CA GLU B 157 -11.59 -29.43 -9.44
C GLU B 157 -13.00 -28.83 -9.43
N ASP B 158 -13.82 -29.23 -8.45
CA ASP B 158 -15.14 -28.60 -8.22
C ASP B 158 -15.02 -27.31 -7.43
N PHE B 159 -13.83 -27.04 -6.92
CA PHE B 159 -13.54 -25.87 -6.08
C PHE B 159 -12.73 -24.80 -6.80
N TYR B 160 -12.87 -23.56 -6.35
CA TYR B 160 -12.16 -22.43 -6.95
C TYR B 160 -11.96 -21.37 -5.91
N PHE B 161 -11.06 -20.42 -6.19
CA PHE B 161 -11.03 -19.22 -5.37
C PHE B 161 -11.27 -18.03 -6.26
N ASP B 162 -11.84 -16.97 -5.67
CA ASP B 162 -12.25 -15.79 -6.41
C ASP B 162 -11.88 -14.60 -5.54
N MSE B 163 -11.15 -13.66 -6.11
CA MSE B 163 -10.63 -12.53 -5.35
C MSE B 163 -11.42 -11.30 -5.69
O MSE B 163 -11.65 -11.02 -6.86
CB MSE B 163 -9.17 -12.33 -5.65
CG MSE B 163 -8.35 -13.60 -5.50
SE MSE B 163 -6.46 -13.27 -5.81
CE MSE B 163 -6.24 -11.89 -4.48
N HIS B 164 -11.86 -10.60 -4.64
CA HIS B 164 -12.58 -9.32 -4.77
C HIS B 164 -11.78 -8.22 -4.07
N PRO B 165 -11.74 -6.99 -4.65
CA PRO B 165 -12.41 -6.62 -5.90
C PRO B 165 -11.84 -7.36 -7.10
N SER B 166 -12.63 -7.45 -8.16
CA SER B 166 -12.26 -8.23 -9.36
C SER B 166 -11.35 -7.37 -10.22
N VAL B 167 -10.06 -7.39 -9.92
CA VAL B 167 -9.08 -6.60 -10.66
C VAL B 167 -7.88 -7.51 -10.93
N THR B 168 -7.17 -7.26 -12.02
CA THR B 168 -5.96 -8.02 -12.30
C THR B 168 -4.92 -7.57 -11.28
N ARG B 169 -4.07 -8.51 -10.85
CA ARG B 169 -3.06 -8.25 -9.81
C ARG B 169 -1.74 -8.85 -10.24
N VAL B 170 -0.65 -8.27 -9.75
CA VAL B 170 0.69 -8.74 -10.11
C VAL B 170 0.99 -10.05 -9.38
N ARG B 171 1.37 -11.07 -10.13
CA ARG B 171 1.82 -12.32 -9.55
C ARG B 171 3.34 -12.30 -9.45
N ILE B 172 3.87 -12.72 -8.32
CA ILE B 172 5.32 -12.87 -8.14
C ILE B 172 5.61 -14.40 -8.10
N PRO B 173 6.17 -14.94 -9.19
CA PRO B 173 6.48 -16.37 -9.21
C PRO B 173 7.66 -16.72 -8.31
N LEU B 174 7.69 -17.96 -7.83
CA LEU B 174 8.83 -18.47 -7.08
C LEU B 174 9.69 -19.37 -7.94
N LYS B 175 10.99 -19.31 -7.70
CA LYS B 175 11.92 -20.27 -8.27
C LYS B 175 12.94 -20.59 -7.19
N ASP B 176 13.07 -21.88 -6.88
CA ASP B 176 13.99 -22.34 -5.83
C ASP B 176 13.80 -21.56 -4.54
N ALA B 177 12.53 -21.34 -4.21
CA ALA B 177 12.07 -20.76 -2.94
C ALA B 177 12.40 -19.28 -2.79
N SER B 178 12.92 -18.67 -3.86
CA SER B 178 13.10 -17.22 -3.90
C SER B 178 12.14 -16.60 -4.91
N LEU B 179 11.89 -15.30 -4.77
CA LEU B 179 11.07 -14.58 -5.74
C LEU B 179 11.81 -14.45 -7.06
N ASP B 180 11.17 -14.97 -8.12
CA ASP B 180 11.72 -14.91 -9.48
C ASP B 180 11.30 -13.55 -10.00
N TRP B 181 11.98 -12.52 -9.50
CA TRP B 181 11.44 -11.17 -9.54
C TRP B 181 11.15 -10.68 -10.94
N ASN B 182 12.02 -10.98 -11.88
CA ASN B 182 11.87 -10.37 -13.20
C ASN B 182 10.78 -11.04 -14.03
N ASN B 183 10.20 -12.11 -13.48
CA ASN B 183 9.05 -12.75 -14.10
C ASN B 183 7.68 -12.40 -13.52
N ARG B 184 7.65 -11.33 -12.74
CA ARG B 184 6.38 -10.74 -12.31
C ARG B 184 5.50 -10.41 -13.52
N SER B 185 4.20 -10.68 -13.40
CA SER B 185 3.28 -10.43 -14.50
C SER B 185 1.91 -10.14 -13.90
N LEU B 186 1.10 -9.39 -14.64
CA LEU B 186 -0.28 -9.17 -14.25
C LEU B 186 -1.06 -10.46 -14.49
N ALA B 187 -1.81 -10.90 -13.48
CA ALA B 187 -2.48 -12.20 -13.52
C ALA B 187 -4.00 -12.03 -13.59
N PRO B 188 -4.72 -13.02 -14.15
CA PRO B 188 -6.18 -12.89 -14.32
C PRO B 188 -6.97 -13.12 -13.02
N THR B 189 -6.70 -12.29 -12.01
CA THR B 189 -7.36 -12.40 -10.71
C THR B 189 -8.68 -11.61 -10.72
N ASP B 190 -9.10 -11.20 -11.90
CA ASP B 190 -10.41 -10.58 -12.08
C ASP B 190 -11.49 -11.60 -12.44
N SER B 191 -11.10 -12.87 -12.47
CA SER B 191 -12.04 -14.00 -12.62
C SER B 191 -11.67 -15.09 -11.63
N LEU B 192 -12.58 -16.01 -11.39
CA LEU B 192 -12.26 -17.15 -10.51
C LEU B 192 -11.07 -17.96 -11.05
N ILE B 193 -10.38 -18.62 -10.14
CA ILE B 193 -9.28 -19.50 -10.51
C ILE B 193 -9.61 -20.89 -9.95
N ALA B 194 -9.80 -21.83 -10.86
CA ALA B 194 -10.18 -23.18 -10.47
C ALA B 194 -9.00 -23.92 -9.81
N LEU B 195 -9.28 -24.65 -8.74
CA LEU B 195 -8.24 -25.45 -8.10
C LEU B 195 -7.98 -26.75 -8.86
N SER B 196 -6.76 -27.27 -8.72
CA SER B 196 -6.37 -28.54 -9.33
C SER B 196 -5.06 -28.96 -8.66
N ASP B 197 -4.70 -30.23 -8.82
CA ASP B 197 -3.42 -30.74 -8.31
C ASP B 197 -2.23 -30.02 -8.93
N ASP B 198 -2.32 -29.77 -10.23
CA ASP B 198 -1.24 -29.14 -11.01
C ASP B 198 -1.08 -27.64 -10.79
N LEU B 199 -2.13 -26.98 -10.30
CA LEU B 199 -2.11 -25.54 -10.11
C LEU B 199 -0.88 -25.06 -9.31
N PHE B 200 -0.47 -25.85 -8.32
CA PHE B 200 0.63 -25.46 -7.46
C PHE B 200 1.94 -26.20 -7.74
N LYS B 201 2.08 -26.71 -8.96
CA LYS B 201 3.31 -27.44 -9.33
C LYS B 201 4.56 -26.56 -9.21
N ASP B 202 4.39 -25.25 -9.40
CA ASP B 202 5.47 -24.27 -9.31
C ASP B 202 5.39 -23.46 -8.04
N ASP B 203 4.83 -24.09 -7.01
CA ASP B 203 4.73 -23.55 -5.65
C ASP B 203 3.65 -22.47 -5.51
N ALA B 204 3.70 -21.70 -4.43
CA ALA B 204 2.65 -20.76 -4.10
C ALA B 204 2.38 -19.76 -5.21
N LEU B 205 1.09 -19.43 -5.39
CA LEU B 205 0.69 -18.29 -6.21
C LEU B 205 0.71 -17.09 -5.27
N ILE B 206 1.56 -16.11 -5.57
CA ILE B 206 1.70 -14.95 -4.72
C ILE B 206 1.21 -13.74 -5.48
N TYR B 207 0.26 -13.00 -4.88
CA TYR B 207 -0.31 -11.83 -5.52
C TYR B 207 -0.06 -10.57 -4.72
N GLU B 208 0.36 -9.53 -5.43
CA GLU B 208 0.53 -8.22 -4.81
C GLU B 208 -0.89 -7.70 -4.61
N LEU B 209 -1.16 -7.19 -3.41
CA LEU B 209 -2.46 -6.62 -3.05
C LEU B 209 -2.36 -5.11 -2.81
N ARG B 210 -3.47 -4.42 -3.09
CA ARG B 210 -3.58 -2.98 -2.86
C ARG B 210 -4.87 -2.68 -2.11
N GLY B 211 -4.83 -1.67 -1.24
CA GLY B 211 -6.06 -1.23 -0.58
C GLY B 211 -6.39 -2.17 0.56
N ASN B 212 -7.58 -2.04 1.11
CA ASN B 212 -7.94 -2.81 2.31
C ASN B 212 -9.26 -3.56 2.16
N ASP B 213 -9.68 -3.75 0.91
CA ASP B 213 -10.98 -4.37 0.68
C ASP B 213 -10.85 -5.74 0.04
N ASN B 214 -9.65 -6.31 0.10
CA ASN B 214 -9.37 -7.57 -0.58
C ASN B 214 -9.93 -8.73 0.21
N LYS B 215 -10.67 -9.59 -0.49
CA LYS B 215 -11.30 -10.76 0.08
C LYS B 215 -11.10 -11.92 -0.87
N VAL B 216 -10.61 -13.03 -0.33
CA VAL B 216 -10.38 -14.23 -1.12
C VAL B 216 -11.46 -15.22 -0.71
N SER B 217 -12.30 -15.59 -1.68
CA SER B 217 -13.45 -16.44 -1.39
C SER B 217 -13.15 -17.83 -1.94
N LEU B 218 -13.18 -18.85 -1.08
CA LEU B 218 -12.99 -20.25 -1.48
C LEU B 218 -14.36 -20.93 -1.47
N ARG B 219 -14.75 -21.46 -2.64
CA ARG B 219 -16.08 -21.98 -2.85
C ARG B 219 -16.12 -23.18 -3.80
N THR B 220 -17.29 -23.80 -3.83
CA THR B 220 -17.71 -24.65 -4.92
C THR B 220 -19.16 -24.23 -5.27
N ASP B 221 -19.57 -24.43 -6.50
CA ASP B 221 -20.94 -24.14 -6.88
C ASP B 221 -21.84 -25.36 -6.68
N LYS B 222 -21.25 -26.47 -6.22
CA LYS B 222 -21.98 -27.71 -5.96
C LYS B 222 -22.84 -27.64 -4.69
N ASN B 223 -22.47 -26.74 -3.78
CA ASN B 223 -23.20 -26.62 -2.52
C ASN B 223 -22.88 -25.26 -1.85
N LYS B 224 -23.14 -25.14 -0.56
CA LYS B 224 -23.04 -23.85 0.11
C LYS B 224 -21.71 -23.62 0.84
N PHE B 225 -20.78 -24.57 0.68
CA PHE B 225 -19.42 -24.39 1.21
C PHE B 225 -18.80 -23.06 0.77
N HIS B 226 -18.28 -22.31 1.74
CA HIS B 226 -17.68 -21.01 1.44
C HIS B 226 -16.77 -20.64 2.61
N VAL B 227 -15.48 -20.45 2.30
CA VAL B 227 -14.54 -19.85 3.25
C VAL B 227 -14.08 -18.53 2.63
N ASN B 228 -14.27 -17.46 3.38
CA ASN B 228 -13.91 -16.14 2.90
C ASN B 228 -12.83 -15.54 3.77
N VAL B 229 -11.72 -15.10 3.16
CA VAL B 229 -10.60 -14.53 3.93
C VAL B 229 -10.46 -13.06 3.59
N TRP B 230 -10.68 -12.20 4.59
CA TRP B 230 -10.49 -10.78 4.40
C TRP B 230 -9.08 -10.41 4.86
N THR B 231 -8.29 -9.89 3.93
CA THR B 231 -6.83 -9.73 4.14
C THR B 231 -6.48 -8.34 4.68
N ARG B 232 -7.50 -7.51 4.87
CA ARG B 232 -7.31 -6.19 5.46
C ARG B 232 -6.23 -5.48 4.66
N ASP B 233 -5.18 -4.99 5.31
CA ASP B 233 -4.18 -4.23 4.57
C ASP B 233 -2.94 -5.05 4.19
N ALA B 234 -3.05 -6.38 4.17
CA ALA B 234 -1.90 -7.19 3.74
C ALA B 234 -1.40 -6.73 2.37
N PRO B 235 -0.07 -6.51 2.20
CA PRO B 235 0.48 -6.21 0.86
C PRO B 235 0.56 -7.41 -0.08
N PHE B 236 0.43 -8.62 0.46
CA PHE B 236 0.47 -9.84 -0.36
C PHE B 236 -0.43 -10.91 0.18
N VAL B 237 -0.81 -11.83 -0.71
CA VAL B 237 -1.46 -13.08 -0.28
C VAL B 237 -0.86 -14.26 -1.07
N GLY B 238 -0.59 -15.36 -0.37
CA GLY B 238 -0.12 -16.56 -1.06
C GLY B 238 -1.23 -17.58 -1.06
N ILE B 239 -1.37 -18.31 -2.17
CA ILE B 239 -2.34 -19.40 -2.25
C ILE B 239 -1.48 -20.62 -2.55
N TRP B 240 -1.66 -21.70 -1.79
CA TRP B 240 -0.76 -22.84 -1.89
C TRP B 240 -1.42 -24.14 -1.46
N SER B 241 -1.02 -25.21 -2.13
CA SER B 241 -1.27 -26.57 -1.63
C SER B 241 -0.06 -27.44 -2.03
N GLN B 242 0.10 -28.58 -1.37
CA GLN B 242 1.29 -29.40 -1.56
C GLN B 242 1.38 -29.97 -2.99
N TYR B 243 2.62 -30.24 -3.42
CA TYR B 243 2.92 -30.87 -4.71
C TYR B 243 4.34 -31.42 -4.61
N PRO B 244 4.61 -32.60 -5.20
CA PRO B 244 3.74 -33.48 -6.00
C PRO B 244 2.80 -34.39 -5.16
N LYS B 245 3.02 -34.49 -3.85
CA LYS B 245 2.12 -35.29 -3.01
C LYS B 245 0.89 -34.45 -2.68
N THR B 246 -0.22 -34.67 -3.38
CA THR B 246 -1.34 -33.75 -3.27
C THR B 246 -2.45 -34.25 -2.35
N ASP B 247 -3.26 -33.32 -1.85
CA ASP B 247 -4.44 -33.68 -1.09
C ASP B 247 -5.46 -32.55 -1.16
N ASN B 248 -6.63 -32.82 -0.61
CA ASN B 248 -7.79 -31.94 -0.80
C ASN B 248 -7.88 -30.83 0.26
N TYR B 249 -6.96 -29.87 0.14
CA TYR B 249 -6.99 -28.65 0.95
C TYR B 249 -6.30 -27.55 0.15
N VAL B 250 -6.50 -26.31 0.59
CA VAL B 250 -5.72 -25.18 0.05
C VAL B 250 -5.46 -24.19 1.19
N CYS B 251 -4.27 -23.57 1.19
CA CYS B 251 -3.96 -22.48 2.11
C CYS B 251 -4.19 -21.14 1.44
N ILE B 252 -4.79 -20.20 2.19
CA ILE B 252 -4.89 -18.81 1.78
C ILE B 252 -4.15 -18.01 2.84
N GLU B 253 -3.07 -17.35 2.43
CA GLU B 253 -2.03 -16.91 3.36
C GLU B 253 -1.83 -15.39 3.32
N PRO B 254 -2.54 -14.62 4.18
CA PRO B 254 -2.28 -13.18 4.18
C PRO B 254 -0.90 -12.86 4.74
N TRP B 255 -0.12 -12.03 4.04
CA TRP B 255 1.28 -11.78 4.37
C TRP B 255 1.63 -10.30 4.49
N TRP B 256 2.34 -9.98 5.56
CA TRP B 256 2.99 -8.69 5.77
C TRP B 256 4.51 -8.98 5.80
N GLY B 257 5.01 -9.53 4.69
CA GLY B 257 6.38 -9.96 4.59
C GLY B 257 6.43 -10.91 3.42
N ILE B 258 7.64 -11.31 3.00
CA ILE B 258 7.74 -12.14 1.80
C ILE B 258 9.13 -12.76 1.71
N ALA B 259 9.24 -13.85 0.94
CA ALA B 259 10.53 -14.53 0.72
C ALA B 259 11.61 -13.60 0.14
N ASP B 260 12.88 -13.99 0.30
CA ASP B 260 13.97 -13.29 -0.36
C ASP B 260 13.73 -13.29 -1.86
N ARG B 261 14.06 -12.15 -2.50
CA ARG B 261 14.21 -12.09 -3.96
C ARG B 261 15.40 -12.93 -4.36
N ASP B 262 15.34 -13.44 -5.59
CA ASP B 262 16.43 -14.19 -6.16
C ASP B 262 17.73 -13.40 -6.08
N ASP B 263 17.62 -12.08 -6.15
CA ASP B 263 18.80 -11.21 -6.13
C ASP B 263 19.07 -10.51 -4.81
N ALA B 264 18.42 -10.94 -3.73
CA ALA B 264 18.63 -10.32 -2.43
C ALA B 264 20.11 -10.36 -2.05
N ASP B 265 20.62 -9.28 -1.47
CA ASP B 265 22.01 -9.22 -1.06
C ASP B 265 22.21 -9.85 0.33
N GLY B 266 21.13 -10.22 0.99
CA GLY B 266 21.21 -10.98 2.25
C GLY B 266 21.22 -10.09 3.49
N ASP B 267 21.40 -8.79 3.29
CA ASP B 267 21.39 -7.84 4.40
C ASP B 267 19.95 -7.62 4.87
N LEU B 268 19.67 -7.91 6.14
CA LEU B 268 18.33 -7.73 6.73
C LEU B 268 17.82 -6.31 6.53
N GLU B 269 18.75 -5.36 6.56
CA GLU B 269 18.38 -3.96 6.40
C GLU B 269 17.99 -3.63 4.96
N HIS B 270 18.33 -4.50 4.01
CA HIS B 270 17.99 -4.30 2.60
C HIS B 270 16.86 -5.22 2.13
N LYS B 271 16.41 -6.12 3.00
CA LYS B 271 15.48 -7.16 2.57
C LYS B 271 14.12 -6.57 2.18
N TYR B 272 13.76 -6.74 0.92
CA TYR B 272 12.48 -6.27 0.40
C TYR B 272 11.26 -6.78 1.19
N GLY B 273 10.32 -5.88 1.47
CA GLY B 273 9.00 -6.28 1.97
C GLY B 273 8.92 -6.48 3.48
N MSE B 274 9.98 -6.09 4.19
CA MSE B 274 10.00 -6.21 5.65
C MSE B 274 9.34 -5.01 6.31
O MSE B 274 9.26 -3.92 5.72
CB MSE B 274 11.42 -6.41 6.19
CG MSE B 274 12.07 -7.73 5.78
SE MSE B 274 11.18 -9.28 6.60
CE MSE B 274 12.30 -9.47 8.19
N ASN B 275 8.85 -5.22 7.52
CA ASN B 275 8.38 -4.12 8.35
C ASN B 275 9.49 -3.61 9.23
N HIS B 276 9.56 -2.29 9.38
CA HIS B 276 10.57 -1.61 10.17
C HIS B 276 9.85 -0.88 11.29
N LEU B 277 10.10 -1.31 12.53
CA LEU B 277 9.38 -0.82 13.70
C LEU B 277 10.35 -0.19 14.71
N LYS B 278 10.11 1.07 15.05
CA LYS B 278 11.01 1.82 15.93
C LYS B 278 10.95 1.33 17.38
N PRO B 279 12.02 1.56 18.18
CA PRO B 279 12.02 1.10 19.57
C PRO B 279 10.76 1.52 20.35
N GLY B 280 10.19 0.59 21.11
CA GLY B 280 9.01 0.85 21.92
C GLY B 280 7.67 0.93 21.17
N LYS B 281 7.72 0.95 19.85
CA LYS B 281 6.49 1.11 19.06
C LYS B 281 5.78 -0.22 18.85
N GLU B 282 4.50 -0.14 18.48
CA GLU B 282 3.70 -1.33 18.20
C GLU B 282 3.22 -1.37 16.75
N PHE B 283 3.35 -2.55 16.14
CA PHE B 283 2.83 -2.82 14.79
C PHE B 283 1.62 -3.73 14.94
N GLN B 284 0.55 -3.44 14.18
CA GLN B 284 -0.64 -4.31 14.23
C GLN B 284 -1.13 -4.65 12.83
N ALA B 285 -1.54 -5.89 12.66
CA ALA B 285 -2.07 -6.36 11.39
C ALA B 285 -2.89 -7.60 11.69
N GLY B 286 -3.67 -8.06 10.73
CA GLY B 286 -4.48 -9.24 10.95
C GLY B 286 -5.43 -9.44 9.79
N PHE B 287 -6.22 -10.52 9.90
CA PHE B 287 -7.11 -10.92 8.85
C PHE B 287 -8.30 -11.64 9.47
N SER B 288 -9.37 -11.82 8.70
CA SER B 288 -10.57 -12.45 9.22
C SER B 288 -11.02 -13.55 8.30
N MSE B 289 -11.51 -14.64 8.88
CA MSE B 289 -12.06 -15.79 8.13
C MSE B 289 -13.52 -16.04 8.47
O MSE B 289 -13.87 -16.14 9.63
CB MSE B 289 -11.25 -17.05 8.46
CG MSE B 289 -9.78 -16.98 8.06
SE MSE B 289 -8.67 -18.19 9.15
CE MSE B 289 -8.60 -17.17 10.82
N THR B 290 -14.38 -16.19 7.46
CA THR B 290 -15.76 -16.59 7.70
C THR B 290 -15.97 -17.98 7.10
N TYR B 291 -16.73 -18.81 7.80
CA TYR B 291 -16.92 -20.21 7.42
C TYR B 291 -18.37 -20.48 7.14
N HIS B 292 -18.64 -21.14 6.02
CA HIS B 292 -19.97 -21.66 5.75
C HIS B 292 -19.91 -23.15 5.35
N SER B 293 -20.74 -23.95 5.99
CA SER B 293 -20.83 -25.38 5.73
C SER B 293 -21.40 -25.66 4.32
N THR B 294 -21.25 -26.91 3.87
CA THR B 294 -21.83 -27.36 2.61
C THR B 294 -23.36 -27.22 2.61
N THR B 295 -23.98 -27.37 3.79
CA THR B 295 -25.45 -27.31 3.96
C THR B 295 -25.84 -26.17 4.89
N ASP B 296 -27.13 -25.82 4.91
CA ASP B 296 -27.68 -24.93 5.92
C ASP B 296 -28.36 -25.72 7.04
N GLU B 297 -27.89 -26.93 7.31
CA GLU B 297 -28.52 -27.74 8.36
C GLU B 297 -28.22 -27.20 9.75
N VAL B 298 -29.21 -27.30 10.63
CA VAL B 298 -29.06 -26.85 12.02
C VAL B 298 -29.27 -28.02 12.98
N LYS B 299 -28.40 -28.09 13.99
CA LYS B 299 -28.43 -29.15 14.98
C LYS B 299 -29.44 -28.76 16.05
N LEU B 300 -30.37 -29.66 16.33
CA LEU B 300 -31.39 -29.43 17.36
C LEU B 300 -30.79 -29.39 18.77
#